data_8FAR
#
_entry.id   8FAR
#
_cell.length_a   234.241
_cell.length_b   234.241
_cell.length_c   234.241
_cell.angle_alpha   90.000
_cell.angle_beta   90.000
_cell.angle_gamma   90.000
#
_symmetry.space_group_name_H-M   'I 4 3 2'
#
loop_
_entity.id
_entity.type
_entity.pdbx_description
1 polymer I432-1-CC
2 polymer I432-1-CC
#
loop_
_entity_poly.entity_id
_entity_poly.type
_entity_poly.pdbx_seq_one_letter_code
_entity_poly.pdbx_strand_id
1 'polypeptide(L)'
;MALAYVMLGLLLSLLNRLSLAAEAYKKAIELDPNDALAWLLLGSVLEKLKRLDEAAEAYKKAIELKPNDASAWKELGKVL
EKLGRLDEAAKAYAEAIKLDPSDAEAAKELGKVLEKLGQLELAERAYQLAIELDPNDLEHHHHHH
;
A
2 'polypeptide(L)'
;MKMEELFKKHKIVAVLRANSVEEAKEKALAVFRGGVHLIEITFTVPDADTVIKELSFLKEKGAIIGAGTVTSLEQCQKAV
ESGAEFIVSPHLDPEISKFCKINGVFYMPGVMTPTELVKAMKLGHTILKLFPGEVVGPQFVKAMKGPFPNVKFVPTGGVN
DQNVCEWFKAGVLAVGVGSALVKGTPEQVEMLAVLFVAKIAGCTELEHHHHHH
;
B
#
# COMPACT_ATOMS: atom_id res chain seq x y z
N MET A 1 6.08 38.56 -13.19
CA MET A 1 5.05 39.38 -12.56
C MET A 1 4.21 38.56 -11.59
N ALA A 2 3.92 37.31 -11.97
CA ALA A 2 3.18 36.42 -11.09
C ALA A 2 3.97 36.12 -9.83
N LEU A 3 5.26 35.82 -9.98
CA LEU A 3 6.12 35.59 -8.82
C LEU A 3 6.37 36.88 -8.05
N ALA A 4 6.20 38.04 -8.68
CA ALA A 4 6.37 39.30 -7.97
C ALA A 4 5.24 39.53 -6.97
N TYR A 5 4.00 39.24 -7.37
CA TYR A 5 2.89 39.35 -6.43
C TYR A 5 2.91 38.24 -5.40
N VAL A 6 3.45 37.07 -5.75
CA VAL A 6 3.67 36.03 -4.76
C VAL A 6 4.68 36.49 -3.71
N MET A 7 5.80 37.05 -4.18
CA MET A 7 6.79 37.59 -3.26
C MET A 7 6.22 38.76 -2.44
N LEU A 8 5.30 39.53 -3.03
CA LEU A 8 4.61 40.56 -2.28
C LEU A 8 3.71 39.94 -1.21
N GLY A 9 2.97 38.90 -1.57
CA GLY A 9 2.13 38.23 -0.60
C GLY A 9 2.93 37.54 0.48
N LEU A 10 4.14 37.08 0.16
CA LEU A 10 5.01 36.52 1.18
C LEU A 10 5.41 37.58 2.19
N LEU A 11 6.01 38.67 1.71
CA LEU A 11 6.45 39.75 2.60
C LEU A 11 5.31 40.27 3.46
N LEU A 12 4.11 40.37 2.89
CA LEU A 12 2.96 40.79 3.68
C LEU A 12 2.61 39.77 4.75
N SER A 13 2.96 38.50 4.53
CA SER A 13 2.72 37.48 5.54
C SER A 13 3.83 37.45 6.59
N LEU A 14 5.05 37.87 6.23
CA LEU A 14 6.09 38.04 7.24
C LEU A 14 5.69 39.08 8.28
N LEU A 15 5.01 40.15 7.84
CA LEU A 15 4.56 41.19 8.74
C LEU A 15 3.14 40.96 9.25
N ASN A 16 2.61 39.75 9.09
CA ASN A 16 1.33 39.32 9.65
C ASN A 16 0.14 40.08 9.07
N ARG A 17 0.31 40.77 7.95
CA ARG A 17 -0.82 41.38 7.25
C ARG A 17 -1.42 40.33 6.31
N LEU A 18 -2.13 39.37 6.94
CA LEU A 18 -2.53 38.15 6.24
C LEU A 18 -3.60 38.43 5.19
N SER A 19 -4.62 39.22 5.55
CA SER A 19 -5.69 39.51 4.61
C SER A 19 -5.17 40.24 3.38
N LEU A 20 -4.24 41.17 3.57
CA LEU A 20 -3.61 41.83 2.42
C LEU A 20 -2.71 40.88 1.65
N ALA A 21 -2.10 39.91 2.34
CA ALA A 21 -1.29 38.91 1.67
C ALA A 21 -2.15 38.01 0.80
N ALA A 22 -3.33 37.63 1.28
CA ALA A 22 -4.23 36.80 0.48
C ALA A 22 -4.68 37.54 -0.77
N GLU A 23 -4.88 38.86 -0.67
CA GLU A 23 -5.23 39.65 -1.85
C GLU A 23 -4.08 39.68 -2.85
N ALA A 24 -2.84 39.63 -2.36
CA ALA A 24 -1.69 39.59 -3.27
C ALA A 24 -1.56 38.24 -3.94
N TYR A 25 -1.78 37.16 -3.20
CA TYR A 25 -1.80 35.83 -3.80
C TYR A 25 -2.94 35.69 -4.80
N LYS A 26 -4.06 36.36 -4.53
CA LYS A 26 -5.18 36.35 -5.47
C LYS A 26 -4.81 37.03 -6.78
N LYS A 27 -4.08 38.15 -6.69
CA LYS A 27 -3.67 38.86 -7.90
C LYS A 27 -2.65 38.05 -8.70
N ALA A 28 -1.77 37.33 -8.00
CA ALA A 28 -0.82 36.46 -8.68
C ALA A 28 -1.52 35.30 -9.36
N ILE A 29 -2.61 34.80 -8.78
CA ILE A 29 -3.40 33.75 -9.42
C ILE A 29 -4.13 34.30 -10.64
N GLU A 30 -4.61 35.54 -10.54
CA GLU A 30 -5.22 36.19 -11.71
C GLU A 30 -4.22 36.31 -12.85
N LEU A 31 -2.94 36.53 -12.52
CA LEU A 31 -1.91 36.61 -13.54
C LEU A 31 -1.66 35.24 -14.16
N ASP A 32 -1.22 34.28 -13.34
CA ASP A 32 -0.96 32.92 -13.79
C ASP A 32 -1.90 31.97 -13.06
N PRO A 33 -2.98 31.51 -13.71
CA PRO A 33 -3.89 30.58 -13.03
C PRO A 33 -3.24 29.27 -12.62
N ASN A 34 -2.12 28.89 -13.23
CA ASN A 34 -1.45 27.63 -12.94
C ASN A 34 -0.26 27.79 -12.01
N ASP A 35 -0.19 28.88 -11.25
CA ASP A 35 0.87 29.08 -10.27
C ASP A 35 0.52 28.26 -9.04
N ALA A 36 1.02 27.02 -9.00
CA ALA A 36 0.71 26.12 -7.89
C ALA A 36 1.27 26.66 -6.58
N LEU A 37 2.36 27.42 -6.63
CA LEU A 37 2.91 28.01 -5.41
C LEU A 37 1.98 29.07 -4.85
N ALA A 38 1.35 29.86 -5.71
CA ALA A 38 0.43 30.89 -5.25
C ALA A 38 -0.83 30.27 -4.65
N TRP A 39 -1.30 29.16 -5.23
CA TRP A 39 -2.48 28.49 -4.69
C TRP A 39 -2.18 27.88 -3.31
N LEU A 40 -1.03 27.24 -3.16
CA LEU A 40 -0.69 26.63 -1.88
C LEU A 40 -0.47 27.69 -0.80
N LEU A 41 0.20 28.79 -1.15
CA LEU A 41 0.41 29.87 -0.19
C LEU A 41 -0.90 30.55 0.19
N LEU A 42 -1.82 30.68 -0.78
CA LEU A 42 -3.12 31.27 -0.49
C LEU A 42 -3.90 30.41 0.49
N GLY A 43 -3.87 29.09 0.30
CA GLY A 43 -4.56 28.20 1.21
C GLY A 43 -3.98 28.23 2.62
N SER A 44 -2.68 28.45 2.73
CA SER A 44 -2.06 28.56 4.05
C SER A 44 -2.46 29.86 4.75
N VAL A 45 -2.57 30.95 3.98
CA VAL A 45 -3.00 32.22 4.57
C VAL A 45 -4.47 32.18 4.94
N LEU A 46 -5.31 31.61 4.08
CA LEU A 46 -6.73 31.50 4.39
C LEU A 46 -6.96 30.56 5.58
N GLU A 47 -6.13 29.53 5.73
CA GLU A 47 -6.21 28.67 6.90
C GLU A 47 -5.89 29.45 8.16
N LYS A 48 -4.86 30.31 8.10
CA LYS A 48 -4.53 31.14 9.25
C LYS A 48 -5.63 32.15 9.54
N LEU A 49 -6.25 32.69 8.48
CA LEU A 49 -7.38 33.59 8.63
C LEU A 49 -8.68 32.87 8.97
N LYS A 50 -8.65 31.54 9.07
CA LYS A 50 -9.82 30.72 9.37
C LYS A 50 -10.93 30.89 8.33
N ARG A 51 -10.55 31.12 7.08
CA ARG A 51 -11.45 30.96 5.94
C ARG A 51 -11.31 29.54 5.42
N LEU A 52 -11.86 28.61 6.22
CA LEU A 52 -11.49 27.20 6.12
C LEU A 52 -11.87 26.60 4.77
N ASP A 53 -13.17 26.57 4.46
CA ASP A 53 -13.61 25.97 3.21
C ASP A 53 -13.05 26.69 2.00
N GLU A 54 -12.75 27.99 2.14
CA GLU A 54 -12.05 28.71 1.08
C GLU A 54 -10.60 28.26 0.98
N ALA A 55 -9.99 27.88 2.10
CA ALA A 55 -8.61 27.40 2.06
C ALA A 55 -8.53 26.00 1.48
N ALA A 56 -9.48 25.12 1.83
CA ALA A 56 -9.51 23.78 1.26
C ALA A 56 -9.74 23.83 -0.24
N GLU A 57 -10.49 24.82 -0.72
CA GLU A 57 -10.66 24.99 -2.16
C GLU A 57 -9.35 25.38 -2.82
N ALA A 58 -8.55 26.23 -2.16
CA ALA A 58 -7.26 26.62 -2.72
C ALA A 58 -6.26 25.46 -2.65
N TYR A 59 -6.32 24.67 -1.57
CA TYR A 59 -5.44 23.51 -1.48
C TYR A 59 -5.77 22.48 -2.56
N LYS A 60 -7.05 22.30 -2.86
CA LYS A 60 -7.45 21.37 -3.91
C LYS A 60 -7.01 21.87 -5.28
N LYS A 61 -7.04 23.19 -5.49
CA LYS A 61 -6.60 23.75 -6.76
C LYS A 61 -5.11 23.58 -6.95
N ALA A 62 -4.32 23.71 -5.87
CA ALA A 62 -2.88 23.51 -5.97
C ALA A 62 -2.53 22.05 -6.18
N ILE A 63 -3.25 21.15 -5.51
CA ILE A 63 -2.98 19.72 -5.66
C ILE A 63 -3.29 19.26 -7.07
N GLU A 64 -4.31 19.87 -7.71
CA GLU A 64 -4.59 19.55 -9.11
C GLU A 64 -3.42 19.89 -10.02
N LEU A 65 -2.63 20.90 -9.64
CA LEU A 65 -1.45 21.28 -10.42
C LEU A 65 -0.22 20.49 -9.99
N LYS A 66 -0.04 20.25 -8.69
CA LYS A 66 1.05 19.43 -8.16
C LYS A 66 0.44 18.18 -7.56
N PRO A 67 0.22 17.11 -8.34
CA PRO A 67 -0.43 15.91 -7.79
C PRO A 67 0.35 15.22 -6.70
N ASN A 68 1.67 15.42 -6.62
CA ASN A 68 2.48 14.66 -5.68
C ASN A 68 3.21 15.57 -4.70
N ASP A 69 2.48 16.43 -4.00
CA ASP A 69 3.02 17.28 -2.96
C ASP A 69 2.50 16.77 -1.62
N ALA A 70 3.38 16.13 -0.85
CA ALA A 70 2.96 15.51 0.40
C ALA A 70 2.51 16.55 1.43
N SER A 71 3.20 17.69 1.48
CA SER A 71 2.82 18.74 2.43
C SER A 71 1.51 19.39 2.04
N ALA A 72 1.19 19.42 0.74
CA ALA A 72 -0.08 19.99 0.31
C ALA A 72 -1.25 19.10 0.70
N TRP A 73 -1.12 17.78 0.48
CA TRP A 73 -2.14 16.84 0.93
C TRP A 73 -2.25 16.85 2.46
N LYS A 74 -1.13 17.07 3.14
CA LYS A 74 -1.14 17.10 4.60
C LYS A 74 -1.88 18.34 5.12
N GLU A 75 -1.57 19.51 4.57
CA GLU A 75 -2.24 20.73 4.98
C GLU A 75 -3.71 20.71 4.61
N LEU A 76 -4.08 20.01 3.53
CA LEU A 76 -5.48 19.81 3.23
C LEU A 76 -6.15 18.96 4.30
N GLY A 77 -5.43 17.98 4.83
CA GLY A 77 -5.96 17.19 5.93
C GLY A 77 -6.14 17.98 7.20
N LYS A 78 -5.29 19.00 7.42
CA LYS A 78 -5.47 19.88 8.57
C LYS A 78 -6.77 20.66 8.46
N VAL A 79 -7.04 21.21 7.27
CA VAL A 79 -8.25 22.02 7.09
C VAL A 79 -9.50 21.16 7.15
N LEU A 80 -9.46 19.97 6.54
CA LEU A 80 -10.62 19.09 6.56
C LEU A 80 -10.90 18.56 7.96
N GLU A 81 -9.87 18.38 8.78
CA GLU A 81 -10.10 18.01 10.17
C GLU A 81 -10.74 19.17 10.94
N LYS A 82 -10.23 20.38 10.72
CA LYS A 82 -10.82 21.54 11.39
C LYS A 82 -12.23 21.83 10.88
N LEU A 83 -12.55 21.40 9.66
CA LEU A 83 -13.89 21.53 9.13
C LEU A 83 -14.82 20.42 9.59
N GLY A 84 -14.29 19.35 10.18
CA GLY A 84 -15.10 18.25 10.65
C GLY A 84 -15.19 17.06 9.71
N ARG A 85 -14.75 17.22 8.46
CA ARG A 85 -14.80 16.14 7.48
C ARG A 85 -13.68 15.15 7.79
N LEU A 86 -13.95 14.27 8.76
CA LEU A 86 -12.95 13.31 9.19
C LEU A 86 -12.65 12.27 8.11
N ASP A 87 -13.67 11.88 7.34
CA ASP A 87 -13.45 10.91 6.27
C ASP A 87 -12.60 11.51 5.16
N GLU A 88 -12.86 12.77 4.79
CA GLU A 88 -12.05 13.42 3.78
C GLU A 88 -10.64 13.69 4.27
N ALA A 89 -10.50 14.03 5.55
CA ALA A 89 -9.17 14.28 6.11
C ALA A 89 -8.35 13.00 6.18
N ALA A 90 -8.99 11.87 6.52
CA ALA A 90 -8.28 10.61 6.58
C ALA A 90 -7.79 10.18 5.21
N LYS A 91 -8.62 10.39 4.18
CA LYS A 91 -8.19 10.07 2.81
C LYS A 91 -7.09 11.00 2.34
N ALA A 92 -7.12 12.27 2.77
CA ALA A 92 -6.07 13.21 2.38
C ALA A 92 -4.76 12.89 3.09
N TYR A 93 -4.82 12.59 4.39
CA TYR A 93 -3.63 12.19 5.11
C TYR A 93 -3.07 10.88 4.57
N ALA A 94 -3.94 9.99 4.08
CA ALA A 94 -3.46 8.73 3.50
C ALA A 94 -2.72 8.99 2.19
N GLU A 95 -3.20 9.93 1.38
CA GLU A 95 -2.50 10.28 0.14
C GLU A 95 -1.15 10.91 0.45
N ALA A 96 -1.07 11.71 1.52
CA ALA A 96 0.20 12.32 1.89
C ALA A 96 1.20 11.28 2.39
N ILE A 97 0.72 10.23 3.06
CA ILE A 97 1.60 9.17 3.52
C ILE A 97 2.01 8.27 2.35
N LYS A 98 1.10 8.04 1.41
CA LYS A 98 1.46 7.29 0.20
C LYS A 98 2.53 8.02 -0.61
N LEU A 99 2.55 9.36 -0.52
CA LEU A 99 3.56 10.13 -1.24
C LEU A 99 4.88 10.19 -0.45
N ASP A 100 4.80 10.38 0.86
CA ASP A 100 5.97 10.47 1.73
C ASP A 100 5.72 9.60 2.95
N PRO A 101 6.15 8.33 2.92
CA PRO A 101 5.98 7.45 4.09
C PRO A 101 6.81 7.86 5.30
N SER A 102 7.62 8.91 5.20
CA SER A 102 8.44 9.38 6.31
C SER A 102 7.86 10.61 6.99
N ASP A 103 6.63 10.99 6.65
CA ASP A 103 5.99 12.15 7.26
C ASP A 103 5.41 11.74 8.60
N ALA A 104 6.13 12.06 9.68
CA ALA A 104 5.65 11.71 11.01
C ALA A 104 4.43 12.53 11.42
N GLU A 105 4.35 13.77 10.93
CA GLU A 105 3.19 14.61 11.26
C GLU A 105 1.93 14.07 10.61
N ALA A 106 2.02 13.63 9.35
CA ALA A 106 0.85 13.10 8.66
C ALA A 106 0.41 11.77 9.27
N ALA A 107 1.34 10.98 9.80
CA ALA A 107 0.97 9.71 10.42
C ALA A 107 0.29 9.93 11.77
N LYS A 108 0.81 10.86 12.57
CA LYS A 108 0.20 11.14 13.86
C LYS A 108 -1.16 11.81 13.70
N GLU A 109 -1.28 12.74 12.75
CA GLU A 109 -2.56 13.39 12.52
C GLU A 109 -3.58 12.42 11.95
N LEU A 110 -3.14 11.46 11.15
CA LEU A 110 -4.06 10.42 10.66
C LEU A 110 -4.55 9.56 11.81
N GLY A 111 -3.68 9.27 12.78
CA GLY A 111 -4.10 8.53 13.96
C GLY A 111 -5.10 9.29 14.81
N LYS A 112 -4.96 10.62 14.87
CA LYS A 112 -5.92 11.43 15.60
C LYS A 112 -7.27 11.46 14.89
N VAL A 113 -7.26 11.57 13.56
CA VAL A 113 -8.50 11.61 12.80
C VAL A 113 -9.19 10.24 12.83
N LEU A 114 -8.41 9.16 12.70
CA LEU A 114 -9.00 7.83 12.73
C LEU A 114 -9.53 7.49 14.11
N GLU A 115 -8.84 7.94 15.16
CA GLU A 115 -9.34 7.71 16.52
C GLU A 115 -10.64 8.48 16.77
N LYS A 116 -10.73 9.71 16.25
CA LYS A 116 -11.97 10.46 16.37
C LYS A 116 -13.08 9.85 15.53
N LEU A 117 -12.72 9.19 14.41
CA LEU A 117 -13.72 8.53 13.57
C LEU A 117 -14.17 7.21 14.14
N GLY A 118 -13.40 6.61 15.06
CA GLY A 118 -13.76 5.36 15.70
C GLY A 118 -12.84 4.20 15.37
N GLN A 119 -12.04 4.31 14.30
CA GLN A 119 -11.15 3.24 13.87
C GLN A 119 -9.98 3.16 14.84
N LEU A 120 -10.22 2.47 15.98
CA LEU A 120 -9.16 2.30 16.96
C LEU A 120 -8.06 1.38 16.45
N GLU A 121 -8.41 0.41 15.60
CA GLU A 121 -7.40 -0.47 15.01
C GLU A 121 -6.48 0.30 14.07
N LEU A 122 -7.06 1.07 13.16
CA LEU A 122 -6.25 1.81 12.20
C LEU A 122 -5.50 2.96 12.84
N ALA A 123 -6.08 3.59 13.87
CA ALA A 123 -5.39 4.69 14.54
C ALA A 123 -4.15 4.20 15.28
N GLU A 124 -4.27 3.04 15.96
CA GLU A 124 -3.12 2.50 16.67
C GLU A 124 -1.99 2.13 15.72
N ARG A 125 -2.34 1.66 14.51
CA ARG A 125 -1.32 1.38 13.51
C ARG A 125 -0.65 2.67 13.03
N ALA A 126 -1.43 3.75 12.91
CA ALA A 126 -0.86 5.02 12.49
C ALA A 126 -0.03 5.66 13.61
N TYR A 127 -0.43 5.45 14.87
CA TYR A 127 0.35 5.98 15.98
C TYR A 127 1.69 5.27 16.09
N GLN A 128 1.69 3.93 15.98
CA GLN A 128 2.94 3.19 15.99
C GLN A 128 3.84 3.58 14.82
N LEU A 129 3.22 3.97 13.69
CA LEU A 129 4.00 4.43 12.55
C LEU A 129 4.67 5.77 12.86
N ALA A 130 3.96 6.66 13.55
CA ALA A 130 4.54 7.95 13.90
C ALA A 130 5.61 7.82 14.98
N ILE A 131 5.47 6.84 15.87
CA ILE A 131 6.48 6.63 16.90
C ILE A 131 7.77 6.10 16.29
N GLU A 132 7.65 5.22 15.28
CA GLU A 132 8.83 4.68 14.63
C GLU A 132 9.55 5.75 13.79
N LEU A 133 8.80 6.69 13.22
CA LEU A 133 9.41 7.75 12.44
C LEU A 133 10.10 8.77 13.35
N ASP A 134 9.34 9.39 14.26
CA ASP A 134 9.88 10.37 15.17
C ASP A 134 10.33 9.67 16.45
N PRO A 135 11.64 9.60 16.73
CA PRO A 135 12.09 8.90 17.95
C PRO A 135 11.79 9.64 19.24
N ASN A 136 11.31 10.87 19.17
CA ASN A 136 11.00 11.64 20.37
C ASN A 136 9.70 11.16 21.00
N MET B 3 8.26 -12.19 -13.17
CA MET B 3 7.47 -12.16 -11.93
C MET B 3 8.36 -11.82 -10.74
N GLU B 4 9.60 -12.32 -10.76
CA GLU B 4 10.56 -11.95 -9.73
C GLU B 4 10.84 -10.46 -9.73
N GLU B 5 10.80 -9.83 -10.91
CA GLU B 5 10.99 -8.39 -11.00
C GLU B 5 9.87 -7.62 -10.30
N LEU B 6 8.67 -8.20 -10.24
CA LEU B 6 7.55 -7.55 -9.58
C LEU B 6 7.50 -7.85 -8.09
N PHE B 7 7.94 -9.04 -7.68
CA PHE B 7 8.08 -9.32 -6.25
C PHE B 7 9.09 -8.39 -5.61
N LYS B 8 10.24 -8.19 -6.26
CA LYS B 8 11.24 -7.25 -5.78
C LYS B 8 10.76 -5.80 -5.88
N LYS B 9 9.75 -5.54 -6.72
CA LYS B 9 9.28 -4.17 -6.93
C LYS B 9 8.30 -3.75 -5.84
N HIS B 10 7.22 -4.51 -5.67
CA HIS B 10 6.15 -4.12 -4.76
C HIS B 10 6.32 -4.68 -3.35
N LYS B 11 7.01 -5.80 -3.21
CA LYS B 11 7.46 -6.38 -1.95
C LYS B 11 6.33 -6.85 -1.03
N ILE B 12 5.08 -6.78 -1.47
CA ILE B 12 3.96 -7.23 -0.65
C ILE B 12 2.94 -7.93 -1.52
N VAL B 13 2.37 -9.03 -1.00
CA VAL B 13 1.35 -9.80 -1.68
C VAL B 13 0.14 -9.92 -0.76
N ALA B 14 -1.05 -9.79 -1.33
CA ALA B 14 -2.30 -9.84 -0.57
C ALA B 14 -2.90 -11.23 -0.71
N VAL B 15 -2.74 -12.04 0.33
CA VAL B 15 -3.38 -13.37 0.40
C VAL B 15 -4.85 -13.13 0.70
N LEU B 16 -5.70 -13.21 -0.31
CA LEU B 16 -7.09 -12.81 -0.21
C LEU B 16 -7.97 -14.04 -0.02
N ARG B 17 -8.62 -14.13 1.13
CA ARG B 17 -9.63 -15.14 1.41
C ARG B 17 -10.99 -14.46 1.59
N ALA B 18 -12.04 -15.14 1.14
CA ALA B 18 -13.38 -14.59 1.21
C ALA B 18 -14.38 -15.74 1.18
N ASN B 19 -15.66 -15.40 1.28
CA ASN B 19 -16.75 -16.37 1.27
C ASN B 19 -17.61 -16.27 0.03
N SER B 20 -17.38 -15.31 -0.85
CA SER B 20 -18.20 -15.14 -2.05
C SER B 20 -17.40 -14.37 -3.09
N VAL B 21 -17.88 -14.44 -4.33
CA VAL B 21 -17.25 -13.70 -5.42
C VAL B 21 -17.42 -12.20 -5.20
N GLU B 22 -18.59 -11.79 -4.72
CA GLU B 22 -18.83 -10.37 -4.43
C GLU B 22 -17.90 -9.89 -3.32
N GLU B 23 -17.63 -10.73 -2.32
CA GLU B 23 -16.73 -10.33 -1.24
C GLU B 23 -15.29 -10.23 -1.70
N ALA B 24 -14.82 -11.23 -2.46
CA ALA B 24 -13.43 -11.24 -2.90
C ALA B 24 -13.14 -10.11 -3.89
N LYS B 25 -14.11 -9.75 -4.72
CA LYS B 25 -13.90 -8.67 -5.68
C LYS B 25 -13.82 -7.32 -4.98
N GLU B 26 -14.67 -7.10 -3.98
CA GLU B 26 -14.63 -5.84 -3.23
C GLU B 26 -13.31 -5.67 -2.50
N LYS B 27 -12.84 -6.74 -1.84
CA LYS B 27 -11.61 -6.66 -1.07
C LYS B 27 -10.40 -6.47 -1.98
N ALA B 28 -10.42 -7.07 -3.17
CA ALA B 28 -9.31 -6.91 -4.10
C ALA B 28 -9.22 -5.48 -4.62
N LEU B 29 -10.37 -4.85 -4.87
CA LEU B 29 -10.37 -3.45 -5.30
C LEU B 29 -9.82 -2.54 -4.23
N ALA B 30 -10.22 -2.77 -2.97
CA ALA B 30 -9.73 -1.94 -1.88
C ALA B 30 -8.23 -2.16 -1.64
N VAL B 31 -7.77 -3.40 -1.82
CA VAL B 31 -6.34 -3.67 -1.68
C VAL B 31 -5.54 -2.93 -2.75
N PHE B 32 -6.04 -2.95 -3.99
CA PHE B 32 -5.31 -2.27 -5.07
C PHE B 32 -5.36 -0.75 -4.90
N ARG B 33 -6.50 -0.21 -4.46
CA ARG B 33 -6.58 1.23 -4.21
C ARG B 33 -5.66 1.63 -3.06
N GLY B 34 -5.35 0.71 -2.15
CA GLY B 34 -4.43 1.02 -1.07
C GLY B 34 -2.98 1.05 -1.47
N GLY B 35 -2.64 0.58 -2.68
CA GLY B 35 -1.28 0.56 -3.16
C GLY B 35 -0.69 -0.82 -3.40
N VAL B 36 -1.28 -1.90 -2.88
CA VAL B 36 -0.74 -3.24 -3.08
C VAL B 36 -1.14 -3.71 -4.48
N HIS B 37 -0.13 -4.00 -5.31
CA HIS B 37 -0.39 -4.42 -6.67
C HIS B 37 -0.43 -5.94 -6.83
N LEU B 38 0.27 -6.68 -6.00
CA LEU B 38 0.30 -8.14 -6.06
C LEU B 38 -0.85 -8.68 -5.22
N ILE B 39 -1.86 -9.24 -5.89
CA ILE B 39 -3.05 -9.77 -5.22
C ILE B 39 -3.11 -11.27 -5.50
N GLU B 40 -3.22 -12.06 -4.43
CA GLU B 40 -3.27 -13.51 -4.54
C GLU B 40 -4.67 -13.97 -4.16
N ILE B 41 -5.44 -14.39 -5.15
CA ILE B 41 -6.81 -14.84 -4.93
C ILE B 41 -6.77 -16.32 -4.54
N THR B 42 -7.06 -16.62 -3.29
CA THR B 42 -7.03 -17.99 -2.82
C THR B 42 -8.18 -18.80 -3.41
N PHE B 43 -7.95 -20.10 -3.56
CA PHE B 43 -8.97 -20.99 -4.10
C PHE B 43 -9.98 -21.45 -3.06
N THR B 44 -9.78 -21.11 -1.78
CA THR B 44 -10.82 -21.33 -0.78
C THR B 44 -12.04 -20.46 -1.05
N VAL B 45 -11.88 -19.39 -1.81
CA VAL B 45 -13.02 -18.57 -2.23
C VAL B 45 -13.87 -19.37 -3.21
N PRO B 46 -15.19 -19.45 -3.01
CA PRO B 46 -16.04 -20.15 -3.98
C PRO B 46 -15.96 -19.49 -5.35
N ASP B 47 -15.67 -20.29 -6.37
CA ASP B 47 -15.47 -19.82 -7.74
C ASP B 47 -14.35 -18.78 -7.80
N ALA B 48 -13.17 -19.19 -7.33
CA ALA B 48 -12.01 -18.31 -7.36
C ALA B 48 -11.56 -18.00 -8.77
N ASP B 49 -11.78 -18.92 -9.72
CA ASP B 49 -11.47 -18.65 -11.11
C ASP B 49 -12.36 -17.55 -11.68
N THR B 50 -13.62 -17.50 -11.24
CA THR B 50 -14.51 -16.42 -11.67
C THR B 50 -14.06 -15.09 -11.10
N VAL B 51 -13.51 -15.09 -9.88
CA VAL B 51 -13.00 -13.84 -9.29
C VAL B 51 -11.80 -13.33 -10.07
N ILE B 52 -10.88 -14.22 -10.45
CA ILE B 52 -9.68 -13.79 -11.16
C ILE B 52 -10.04 -13.26 -12.54
N LYS B 53 -10.99 -13.91 -13.23
CA LYS B 53 -11.35 -13.47 -14.56
C LYS B 53 -12.12 -12.15 -14.52
N GLU B 54 -12.99 -11.97 -13.52
CA GLU B 54 -13.76 -10.74 -13.42
C GLU B 54 -12.92 -9.57 -12.92
N LEU B 55 -11.66 -9.80 -12.54
CA LEU B 55 -10.73 -8.74 -12.20
C LEU B 55 -9.74 -8.47 -13.33
N SER B 56 -10.05 -8.89 -14.55
CA SER B 56 -9.16 -8.68 -15.68
C SER B 56 -9.01 -7.22 -16.04
N PHE B 57 -9.94 -6.36 -15.59
CA PHE B 57 -9.82 -4.94 -15.88
C PHE B 57 -8.75 -4.28 -15.02
N LEU B 58 -8.47 -4.83 -13.84
CA LEU B 58 -7.43 -4.28 -12.98
C LEU B 58 -6.03 -4.46 -13.56
N LYS B 59 -5.84 -5.45 -14.44
CA LYS B 59 -4.55 -5.62 -15.09
C LYS B 59 -4.23 -4.45 -16.01
N GLU B 60 -5.26 -3.78 -16.52
CA GLU B 60 -5.03 -2.57 -17.31
C GLU B 60 -4.53 -1.43 -16.43
N LYS B 61 -5.02 -1.36 -15.19
CA LYS B 61 -4.53 -0.35 -14.27
C LYS B 61 -3.09 -0.61 -13.84
N GLY B 62 -2.69 -1.89 -13.80
CA GLY B 62 -1.34 -2.24 -13.42
C GLY B 62 -1.29 -3.25 -12.29
N ALA B 63 -2.37 -4.01 -12.11
CA ALA B 63 -2.45 -5.01 -11.06
C ALA B 63 -1.97 -6.36 -11.55
N ILE B 64 -1.57 -7.20 -10.60
CA ILE B 64 -1.11 -8.56 -10.89
C ILE B 64 -2.02 -9.50 -10.10
N ILE B 65 -2.96 -10.14 -10.80
CA ILE B 65 -3.91 -11.06 -10.20
C ILE B 65 -3.38 -12.48 -10.34
N GLY B 66 -3.33 -13.20 -9.21
CA GLY B 66 -2.85 -14.56 -9.20
C GLY B 66 -3.78 -15.47 -8.41
N ALA B 67 -3.42 -16.74 -8.37
CA ALA B 67 -4.18 -17.76 -7.68
C ALA B 67 -3.39 -18.27 -6.47
N GLY B 68 -4.11 -18.47 -5.36
CA GLY B 68 -3.49 -18.97 -4.15
C GLY B 68 -4.22 -20.19 -3.63
N THR B 69 -3.53 -20.92 -2.76
CA THR B 69 -4.03 -22.17 -2.18
C THR B 69 -4.50 -23.11 -3.29
N VAL B 70 -3.57 -23.44 -4.17
CA VAL B 70 -3.82 -24.31 -5.30
C VAL B 70 -3.33 -25.69 -4.91
N THR B 71 -4.28 -26.59 -4.59
CA THR B 71 -3.97 -27.91 -4.05
C THR B 71 -3.92 -28.99 -5.12
N SER B 72 -4.66 -28.87 -6.20
CA SER B 72 -4.78 -29.92 -7.20
C SER B 72 -4.43 -29.40 -8.59
N LEU B 73 -4.13 -30.34 -9.48
CA LEU B 73 -3.89 -29.99 -10.88
C LEU B 73 -5.17 -29.45 -11.53
N GLU B 74 -6.30 -30.08 -11.26
CA GLU B 74 -7.57 -29.61 -11.83
C GLU B 74 -7.87 -28.18 -11.40
N GLN B 75 -7.45 -27.80 -10.19
CA GLN B 75 -7.56 -26.41 -9.77
C GLN B 75 -6.64 -25.51 -10.56
N CYS B 76 -5.48 -26.03 -10.99
CA CYS B 76 -4.48 -25.19 -11.63
C CYS B 76 -4.91 -24.75 -13.02
N GLN B 77 -5.64 -25.59 -13.76
CA GLN B 77 -6.12 -25.16 -15.07
C GLN B 77 -7.13 -24.04 -14.95
N LYS B 78 -8.13 -24.22 -14.08
CA LYS B 78 -9.15 -23.19 -13.89
C LYS B 78 -8.52 -21.87 -13.47
N ALA B 79 -7.37 -21.92 -12.80
CA ALA B 79 -6.64 -20.69 -12.47
C ALA B 79 -5.96 -20.10 -13.70
N VAL B 80 -5.19 -20.92 -14.42
CA VAL B 80 -4.47 -20.43 -15.59
C VAL B 80 -5.45 -20.02 -16.69
N GLU B 81 -6.50 -20.81 -16.90
CA GLU B 81 -7.46 -20.49 -17.95
C GLU B 81 -8.27 -19.24 -17.61
N SER B 82 -8.45 -18.95 -16.32
CA SER B 82 -9.16 -17.73 -15.93
C SER B 82 -8.32 -16.48 -16.13
N GLY B 83 -6.99 -16.60 -16.15
CA GLY B 83 -6.14 -15.45 -16.39
C GLY B 83 -5.20 -15.15 -15.24
N ALA B 84 -4.89 -16.16 -14.43
CA ALA B 84 -3.96 -15.96 -13.33
C ALA B 84 -2.54 -15.78 -13.86
N GLU B 85 -1.83 -14.79 -13.29
CA GLU B 85 -0.48 -14.47 -13.71
C GLU B 85 0.59 -15.12 -12.86
N PHE B 86 0.22 -15.72 -11.72
CA PHE B 86 1.16 -16.47 -10.91
C PHE B 86 0.37 -17.42 -10.01
N ILE B 87 0.89 -18.64 -9.86
CA ILE B 87 0.22 -19.69 -9.10
C ILE B 87 0.95 -19.88 -7.78
N VAL B 88 0.19 -19.98 -6.69
CA VAL B 88 0.73 -20.10 -5.34
C VAL B 88 0.03 -21.25 -4.63
N SER B 89 0.82 -22.04 -3.90
CA SER B 89 0.30 -23.17 -3.13
C SER B 89 1.02 -23.24 -1.79
N PRO B 90 0.31 -23.64 -0.73
CA PRO B 90 0.95 -23.77 0.58
C PRO B 90 1.81 -25.02 0.72
N HIS B 91 1.90 -25.86 -0.31
CA HIS B 91 2.68 -27.08 -0.28
C HIS B 91 3.47 -27.20 -1.58
N LEU B 92 4.40 -28.15 -1.59
CA LEU B 92 5.20 -28.45 -2.77
C LEU B 92 4.55 -29.61 -3.52
N ASP B 93 4.09 -29.34 -4.74
CA ASP B 93 3.51 -30.35 -5.59
C ASP B 93 4.35 -30.51 -6.85
N PRO B 94 4.77 -31.72 -7.21
CA PRO B 94 5.66 -31.88 -8.37
C PRO B 94 4.91 -31.87 -9.69
N GLU B 95 3.64 -32.27 -9.69
CA GLU B 95 2.85 -32.20 -10.92
C GLU B 95 2.47 -30.77 -11.24
N ILE B 96 2.14 -29.97 -10.22
CA ILE B 96 1.76 -28.58 -10.45
C ILE B 96 2.97 -27.77 -10.91
N SER B 97 4.15 -28.05 -10.34
CA SER B 97 5.35 -27.35 -10.74
C SER B 97 5.66 -27.57 -12.22
N LYS B 98 5.59 -28.84 -12.66
CA LYS B 98 5.79 -29.12 -14.08
C LYS B 98 4.62 -28.63 -14.93
N PHE B 99 3.44 -28.52 -14.32
CA PHE B 99 2.27 -28.05 -15.07
C PHE B 99 2.40 -26.58 -15.43
N CYS B 100 2.73 -25.75 -14.44
CA CYS B 100 3.00 -24.34 -14.72
C CYS B 100 4.30 -24.15 -15.50
N LYS B 101 5.22 -25.11 -15.43
CA LYS B 101 6.46 -25.02 -16.19
C LYS B 101 6.18 -24.97 -17.69
N ILE B 102 5.33 -25.85 -18.19
CA ILE B 102 5.10 -25.94 -19.62
C ILE B 102 4.05 -24.94 -20.10
N ASN B 103 3.08 -24.61 -19.25
CA ASN B 103 2.10 -23.58 -19.61
C ASN B 103 2.75 -22.21 -19.72
N GLY B 104 3.85 -21.98 -19.00
CA GLY B 104 4.49 -20.69 -19.01
C GLY B 104 4.06 -19.76 -17.90
N VAL B 105 3.64 -20.29 -16.76
CA VAL B 105 3.16 -19.50 -15.63
C VAL B 105 4.11 -19.69 -14.46
N PHE B 106 4.41 -18.61 -13.76
CA PHE B 106 5.27 -18.69 -12.59
C PHE B 106 4.57 -19.43 -11.46
N TYR B 107 5.30 -20.30 -10.77
CA TYR B 107 4.77 -21.10 -9.68
C TYR B 107 5.62 -20.92 -8.43
N MET B 108 4.95 -20.76 -7.29
CA MET B 108 5.62 -20.62 -5.99
C MET B 108 5.10 -21.69 -5.05
N PRO B 109 5.85 -22.76 -4.83
CA PRO B 109 5.38 -23.83 -3.93
C PRO B 109 5.61 -23.48 -2.47
N GLY B 110 4.87 -24.18 -1.60
CA GLY B 110 4.99 -23.98 -0.17
C GLY B 110 6.02 -24.91 0.42
N VAL B 111 6.98 -24.33 1.16
CA VAL B 111 8.11 -25.06 1.71
C VAL B 111 8.25 -24.69 3.19
N MET B 112 8.60 -25.68 4.01
CA MET B 112 8.88 -25.48 5.42
C MET B 112 10.17 -26.15 5.89
N THR B 113 10.66 -27.16 5.17
CA THR B 113 11.81 -27.95 5.55
C THR B 113 12.94 -27.78 4.54
N PRO B 114 14.20 -27.82 4.98
CA PRO B 114 15.31 -27.79 4.02
C PRO B 114 15.25 -28.89 2.97
N THR B 115 14.71 -30.06 3.32
CA THR B 115 14.55 -31.12 2.33
C THR B 115 13.57 -30.71 1.24
N GLU B 116 12.43 -30.15 1.65
CA GLU B 116 11.42 -29.72 0.69
C GLU B 116 11.93 -28.59 -0.19
N LEU B 117 12.80 -27.73 0.35
CA LEU B 117 13.41 -26.69 -0.46
C LEU B 117 14.35 -27.29 -1.50
N VAL B 118 15.07 -28.34 -1.14
CA VAL B 118 15.93 -29.02 -2.11
C VAL B 118 15.09 -29.71 -3.18
N LYS B 119 13.99 -30.33 -2.78
CA LYS B 119 13.07 -30.93 -3.76
C LYS B 119 12.54 -29.88 -4.74
N ALA B 120 12.26 -28.68 -4.24
CA ALA B 120 11.77 -27.61 -5.11
C ALA B 120 12.89 -27.00 -5.95
N MET B 121 14.11 -26.96 -5.43
CA MET B 121 15.24 -26.48 -6.22
C MET B 121 15.53 -27.42 -7.39
N LYS B 122 15.39 -28.73 -7.17
CA LYS B 122 15.59 -29.70 -8.24
C LYS B 122 14.54 -29.57 -9.34
N LEU B 123 13.39 -28.97 -9.03
CA LEU B 123 12.37 -28.67 -10.03
C LEU B 123 12.59 -27.33 -10.71
N GLY B 124 13.62 -26.58 -10.30
CA GLY B 124 13.95 -25.31 -10.91
C GLY B 124 13.52 -24.08 -10.14
N HIS B 125 12.85 -24.23 -9.00
CA HIS B 125 12.35 -23.09 -8.25
C HIS B 125 13.46 -22.49 -7.41
N THR B 126 13.73 -21.20 -7.64
CA THR B 126 14.62 -20.43 -6.77
C THR B 126 13.86 -19.52 -5.81
N ILE B 127 12.58 -19.27 -6.07
CA ILE B 127 11.71 -18.49 -5.19
C ILE B 127 10.71 -19.43 -4.55
N LEU B 128 10.65 -19.42 -3.22
CA LEU B 128 9.79 -20.34 -2.48
C LEU B 128 8.89 -19.58 -1.54
N LYS B 129 7.70 -20.14 -1.30
CA LYS B 129 6.79 -19.63 -0.28
C LYS B 129 7.09 -20.34 1.04
N LEU B 130 7.48 -19.57 2.05
CA LEU B 130 7.75 -20.10 3.37
C LEU B 130 6.45 -20.10 4.17
N PHE B 131 5.77 -21.24 4.19
CA PHE B 131 4.50 -21.36 4.87
C PHE B 131 4.53 -22.54 5.83
N PRO B 132 4.19 -22.35 7.10
CA PRO B 132 3.83 -21.07 7.73
C PRO B 132 5.04 -20.37 8.35
N GLY B 133 5.33 -19.14 7.95
CA GLY B 133 6.36 -18.36 8.62
C GLY B 133 6.07 -18.07 10.08
N GLU B 134 4.84 -18.32 10.51
CA GLU B 134 4.47 -18.17 11.92
C GLU B 134 5.30 -19.11 12.81
N VAL B 135 5.77 -20.22 12.27
CA VAL B 135 6.44 -21.25 13.04
C VAL B 135 7.95 -21.21 12.84
N VAL B 136 8.42 -21.22 11.60
CA VAL B 136 9.85 -21.33 11.34
C VAL B 136 10.58 -20.04 11.69
N GLY B 137 9.94 -18.89 11.52
CA GLY B 137 10.52 -17.62 11.90
C GLY B 137 11.59 -17.13 10.95
N PRO B 138 12.02 -15.87 11.14
CA PRO B 138 13.05 -15.31 10.25
C PRO B 138 14.39 -16.00 10.37
N GLN B 139 14.70 -16.61 11.52
CA GLN B 139 15.95 -17.33 11.66
C GLN B 139 16.04 -18.51 10.70
N PHE B 140 14.91 -19.01 10.21
CA PHE B 140 14.92 -20.03 9.17
C PHE B 140 15.47 -19.47 7.86
N VAL B 141 15.09 -18.25 7.51
CA VAL B 141 15.59 -17.63 6.29
C VAL B 141 17.08 -17.36 6.40
N LYS B 142 17.54 -16.95 7.59
CA LYS B 142 18.97 -16.70 7.79
C LYS B 142 19.78 -17.98 7.73
N ALA B 143 19.24 -19.08 8.26
CA ALA B 143 19.95 -20.35 8.24
C ALA B 143 20.07 -20.93 6.83
N MET B 144 19.22 -20.50 5.91
CA MET B 144 19.26 -21.00 4.54
C MET B 144 20.10 -20.13 3.61
N LYS B 145 20.51 -18.94 4.06
CA LYS B 145 21.35 -18.09 3.23
C LYS B 145 22.77 -18.65 3.09
N GLY B 146 23.19 -19.51 4.02
CA GLY B 146 24.50 -20.11 3.96
C GLY B 146 24.61 -21.20 2.91
N PRO B 147 23.92 -22.32 3.12
CA PRO B 147 24.01 -23.43 2.17
C PRO B 147 23.24 -23.19 0.88
N PHE B 148 22.24 -22.31 0.89
CA PHE B 148 21.41 -22.04 -0.29
C PHE B 148 21.38 -20.53 -0.53
N PRO B 149 22.49 -19.95 -0.99
CA PRO B 149 22.53 -18.49 -1.19
C PRO B 149 21.72 -18.00 -2.36
N ASN B 150 21.41 -18.87 -3.33
CA ASN B 150 20.64 -18.48 -4.51
C ASN B 150 19.14 -18.57 -4.30
N VAL B 151 18.69 -18.78 -3.07
CA VAL B 151 17.28 -19.01 -2.76
C VAL B 151 16.68 -17.74 -2.18
N LYS B 152 15.49 -17.39 -2.65
CA LYS B 152 14.72 -16.26 -2.13
C LYS B 152 13.40 -16.77 -1.58
N PHE B 153 12.92 -16.13 -0.52
CA PHE B 153 11.74 -16.56 0.20
C PHE B 153 10.64 -15.51 0.13
N VAL B 154 9.41 -15.98 0.29
CA VAL B 154 8.23 -15.12 0.46
C VAL B 154 7.42 -15.69 1.61
N PRO B 155 7.60 -15.22 2.83
CA PRO B 155 6.85 -15.78 3.96
C PRO B 155 5.37 -15.42 3.90
N THR B 156 4.55 -16.30 4.48
CA THR B 156 3.12 -16.11 4.54
C THR B 156 2.59 -16.73 5.82
N GLY B 157 1.67 -16.03 6.49
CA GLY B 157 1.15 -16.50 7.75
C GLY B 157 2.07 -16.14 8.90
N GLY B 158 1.59 -15.29 9.81
CA GLY B 158 2.42 -14.79 10.88
C GLY B 158 3.22 -13.57 10.53
N VAL B 159 2.78 -12.78 9.56
CA VAL B 159 3.48 -11.57 9.12
C VAL B 159 2.54 -10.40 9.38
N ASN B 160 2.93 -9.52 10.29
CA ASN B 160 2.17 -8.32 10.63
C ASN B 160 3.10 -7.12 10.56
N ASP B 161 2.54 -5.95 10.88
CA ASP B 161 3.33 -4.72 10.88
C ASP B 161 4.33 -4.67 12.04
N GLN B 162 4.26 -5.60 12.98
CA GLN B 162 5.22 -5.64 14.07
C GLN B 162 6.52 -6.32 13.67
N ASN B 163 6.41 -7.43 12.94
CA ASN B 163 7.58 -8.24 12.58
C ASN B 163 7.89 -8.20 11.08
N VAL B 164 7.33 -7.24 10.34
CA VAL B 164 7.63 -7.15 8.92
C VAL B 164 9.05 -6.67 8.70
N CYS B 165 9.59 -5.86 9.63
CA CYS B 165 11.00 -5.49 9.56
C CYS B 165 11.89 -6.67 9.95
N GLU B 166 11.39 -7.56 10.82
CA GLU B 166 12.14 -8.75 11.17
C GLU B 166 12.34 -9.67 9.97
N TRP B 167 11.32 -9.77 9.11
CA TRP B 167 11.42 -10.64 7.94
C TRP B 167 12.38 -10.07 6.91
N PHE B 168 12.23 -8.78 6.59
CA PHE B 168 13.10 -8.16 5.59
C PHE B 168 14.53 -8.03 6.08
N LYS B 169 14.74 -7.98 7.39
CA LYS B 169 16.11 -7.99 7.92
C LYS B 169 16.79 -9.33 7.63
N ALA B 170 16.04 -10.42 7.70
CA ALA B 170 16.58 -11.74 7.40
C ALA B 170 16.91 -11.90 5.92
N GLY B 171 16.35 -11.07 5.05
CA GLY B 171 16.65 -11.12 3.64
C GLY B 171 15.59 -11.81 2.80
N VAL B 172 14.32 -11.58 3.11
CA VAL B 172 13.24 -12.14 2.32
C VAL B 172 12.99 -11.27 1.10
N LEU B 173 12.45 -11.88 0.05
CA LEU B 173 12.19 -11.16 -1.18
C LEU B 173 10.94 -10.29 -1.03
N ALA B 174 9.81 -10.91 -0.73
CA ALA B 174 8.57 -10.21 -0.45
C ALA B 174 7.87 -10.89 0.71
N VAL B 175 6.70 -10.38 1.09
CA VAL B 175 5.93 -10.93 2.20
C VAL B 175 4.46 -11.02 1.78
N GLY B 176 3.79 -12.06 2.25
CA GLY B 176 2.37 -12.25 2.01
C GLY B 176 1.58 -12.05 3.28
N VAL B 177 0.58 -11.17 3.21
CA VAL B 177 -0.25 -10.81 4.36
C VAL B 177 -1.67 -11.29 4.10
N GLY B 178 -2.30 -11.83 5.13
CA GLY B 178 -3.65 -12.34 5.01
C GLY B 178 -4.69 -11.51 5.73
N SER B 179 -5.08 -11.94 6.93
CA SER B 179 -6.15 -11.24 7.66
C SER B 179 -5.68 -9.88 8.16
N ALA B 180 -4.38 -9.71 8.39
CA ALA B 180 -3.86 -8.43 8.87
C ALA B 180 -3.91 -7.33 7.81
N LEU B 181 -4.48 -7.60 6.64
CA LEU B 181 -4.58 -6.63 5.56
C LEU B 181 -5.95 -6.70 4.91
N VAL B 182 -6.48 -7.92 4.76
CA VAL B 182 -7.70 -8.14 3.99
C VAL B 182 -8.96 -8.13 4.86
N LYS B 183 -8.83 -8.40 6.16
CA LYS B 183 -9.99 -8.43 7.04
C LYS B 183 -10.48 -7.01 7.33
N GLY B 184 -11.75 -6.75 7.00
CA GLY B 184 -12.33 -5.45 7.28
C GLY B 184 -13.19 -4.88 6.17
N THR B 185 -13.74 -3.70 6.38
CA THR B 185 -14.54 -3.03 5.37
C THR B 185 -13.65 -2.52 4.25
N PRO B 186 -14.23 -2.21 3.08
CA PRO B 186 -13.43 -1.63 2.00
C PRO B 186 -12.63 -0.41 2.41
N GLU B 187 -13.15 0.41 3.33
CA GLU B 187 -12.36 1.53 3.85
C GLU B 187 -11.23 1.03 4.75
N GLN B 188 -11.54 0.08 5.64
CA GLN B 188 -10.53 -0.46 6.54
C GLN B 188 -9.47 -1.26 5.77
N VAL B 189 -9.88 -1.93 4.69
CA VAL B 189 -8.91 -2.70 3.90
C VAL B 189 -7.99 -1.76 3.12
N GLU B 190 -8.56 -0.70 2.53
CA GLU B 190 -7.73 0.27 1.82
C GLU B 190 -6.79 0.98 2.78
N MET B 191 -7.26 1.32 3.97
CA MET B 191 -6.40 1.98 4.95
C MET B 191 -5.32 1.03 5.47
N LEU B 192 -5.67 -0.26 5.66
CA LEU B 192 -4.68 -1.23 6.10
C LEU B 192 -3.60 -1.46 5.05
N ALA B 193 -3.96 -1.37 3.77
CA ALA B 193 -2.97 -1.55 2.72
C ALA B 193 -2.01 -0.36 2.66
N VAL B 194 -2.52 0.85 2.83
CA VAL B 194 -1.65 2.03 2.83
C VAL B 194 -0.68 1.98 4.00
N LEU B 195 -1.17 1.58 5.18
CA LEU B 195 -0.31 1.52 6.36
C LEU B 195 0.75 0.45 6.22
N PHE B 196 0.43 -0.68 5.57
CA PHE B 196 1.44 -1.72 5.36
C PHE B 196 2.43 -1.31 4.28
N VAL B 197 1.96 -0.59 3.25
CA VAL B 197 2.88 -0.11 2.21
C VAL B 197 3.87 0.89 2.80
N ALA B 198 3.38 1.81 3.64
CA ALA B 198 4.28 2.75 4.29
C ALA B 198 5.18 2.08 5.32
N LYS B 199 4.68 1.03 5.97
CA LYS B 199 5.51 0.32 6.95
C LYS B 199 6.64 -0.43 6.27
N ILE B 200 6.36 -1.08 5.15
CA ILE B 200 7.42 -1.79 4.42
C ILE B 200 8.37 -0.79 3.77
N ALA B 201 7.86 0.34 3.32
CA ALA B 201 8.73 1.39 2.80
C ALA B 201 9.69 1.90 3.86
N GLY B 202 9.35 1.75 5.13
CA GLY B 202 10.24 2.13 6.22
C GLY B 202 11.16 1.00 6.63
N CYS B 203 10.80 -0.23 6.26
CA CYS B 203 11.66 -1.37 6.55
C CYS B 203 12.76 -1.52 5.50
N THR B 204 12.44 -1.26 4.23
CA THR B 204 13.43 -1.33 3.15
C THR B 204 13.85 0.08 2.79
N GLU B 205 14.73 0.64 3.62
CA GLU B 205 15.22 2.00 3.42
C GLU B 205 16.75 2.04 3.48
#